data_4PE8
#
_entry.id   4PE8
#
_cell.length_a   43.450
_cell.length_b   52.871
_cell.length_c   101.107
_cell.angle_alpha   90.000
_cell.angle_beta   90.000
_cell.angle_gamma   90.000
#
_symmetry.space_group_name_H-M   'P 21 21 21'
#
loop_
_entity.id
_entity.type
_entity.pdbx_description
1 polymer 'Tat-linked quality control protein TatD'
2 polymer "DNA (5'-D(*GP*CP*T)-3')"
3 water water
#
loop_
_entity_poly.entity_id
_entity_poly.type
_entity_poly.pdbx_seq_one_letter_code
_entity_poly.pdbx_strand_id
1 'polypeptide(L)'
;MFDIGVNLTSSQFAKDRDDVVACAFDAGVNGLLITGTNLRESQQAQKLARQYSSCWSTAGVHPHDSSQWQAATEEAIIEL
AAQPEVVAIGECGLDFNRNFSTPEEQERAFVAQLRIAADLNMPVFMHCRDAHERFMTLLEPWLDKLPGAVLHCFTGTREE
MQACVAHGIYIGITGWVCDERRGLELRELLPLIPAEKLLIETDAPYLLPRDLTPKPSSRRNEPAHLPHILQRIAHWRGED
AAWLAATTDANVKTLFGIAF
;
A
2 'polydeoxyribonucleotide' (DG)(DC)(DT) B
#
loop_
_chem_comp.id
_chem_comp.type
_chem_comp.name
_chem_comp.formula
DC DNA linking 2'-DEOXYCYTIDINE-5'-MONOPHOSPHATE 'C9 H14 N3 O7 P'
DG DNA linking 2'-DEOXYGUANOSINE-5'-MONOPHOSPHATE 'C10 H14 N5 O7 P'
DT DNA linking THYMIDINE-5'-MONOPHOSPHATE 'C10 H15 N2 O8 P'
#
# COMPACT_ATOMS: atom_id res chain seq x y z
N MET A 1 2.18 -15.14 -3.97
CA MET A 1 1.63 -13.99 -3.27
C MET A 1 2.64 -12.85 -3.18
N PHE A 2 2.13 -11.62 -3.04
CA PHE A 2 2.97 -10.43 -3.01
C PHE A 2 2.48 -9.47 -1.92
N ASP A 3 3.42 -8.83 -1.23
CA ASP A 3 3.07 -7.86 -0.19
C ASP A 3 3.33 -6.44 -0.67
N ILE A 4 2.26 -5.69 -0.92
CA ILE A 4 2.37 -4.33 -1.43
C ILE A 4 2.45 -3.29 -0.32
N GLY A 5 2.37 -3.74 0.93
CA GLY A 5 2.41 -2.84 2.06
C GLY A 5 3.42 -3.24 3.13
N VAL A 6 4.68 -2.89 2.91
CA VAL A 6 5.73 -3.18 3.88
C VAL A 6 6.52 -1.93 4.23
N ASN A 7 6.31 -1.40 5.43
CA ASN A 7 7.10 -0.26 5.90
C ASN A 7 8.41 -0.76 6.52
N LEU A 8 9.30 -1.26 5.67
CA LEU A 8 10.53 -1.92 6.13
C LEU A 8 11.54 -0.96 6.76
N THR A 9 11.40 0.32 6.47
CA THR A 9 12.30 1.33 7.02
C THR A 9 12.13 1.49 8.52
N SER A 10 10.98 1.03 9.03
CA SER A 10 10.62 1.17 10.44
C SER A 10 11.72 0.69 11.38
N SER A 11 11.85 1.35 12.52
CA SER A 11 12.88 1.00 13.49
C SER A 11 12.52 -0.27 14.25
N GLN A 12 11.32 -0.77 14.02
CA GLN A 12 10.88 -2.02 14.65
C GLN A 12 11.60 -3.21 14.04
N PHE A 13 12.05 -3.03 12.80
CA PHE A 13 12.77 -4.09 12.08
C PHE A 13 14.27 -3.88 12.15
N ALA A 14 14.71 -2.84 12.86
CA ALA A 14 16.12 -2.47 12.92
C ALA A 14 17.04 -3.60 13.38
N LYS A 15 16.60 -4.39 14.36
CA LYS A 15 17.42 -5.46 14.93
C LYS A 15 17.53 -6.68 14.01
N ASP A 16 16.48 -6.95 13.24
CA ASP A 16 16.45 -8.17 12.42
C ASP A 16 15.77 -8.01 11.05
N ARG A 17 16.10 -6.92 10.35
CA ARG A 17 15.48 -6.63 9.07
C ARG A 17 15.78 -7.72 8.04
N ASP A 18 17.00 -8.23 8.04
CA ASP A 18 17.39 -9.33 7.15
C ASP A 18 16.54 -10.56 7.41
N ASP A 19 16.46 -10.95 8.67
CA ASP A 19 15.69 -12.13 9.06
C ASP A 19 14.20 -11.94 8.78
N VAL A 20 13.70 -10.71 8.99
CA VAL A 20 12.33 -10.37 8.64
C VAL A 20 12.05 -10.63 7.16
N VAL A 21 12.91 -10.09 6.30
CA VAL A 21 12.80 -10.28 4.85
C VAL A 21 12.94 -11.76 4.47
N ALA A 22 13.98 -12.41 5.01
CA ALA A 22 14.27 -13.80 4.71
C ALA A 22 13.14 -14.75 5.14
N CYS A 23 12.54 -14.48 6.30
CA CYS A 23 11.45 -15.32 6.79
C CYS A 23 10.20 -15.21 5.93
N ALA A 24 9.92 -13.99 5.45
CA ALA A 24 8.77 -13.77 4.59
C ALA A 24 8.91 -14.58 3.30
N PHE A 25 10.09 -14.53 2.71
CA PHE A 25 10.38 -15.30 1.51
C PHE A 25 10.29 -16.80 1.77
N ASP A 26 10.60 -17.20 2.99
CA ASP A 26 10.58 -18.62 3.38
C ASP A 26 9.16 -19.11 3.68
N ALA A 27 8.20 -18.19 3.63
CA ALA A 27 6.81 -18.53 3.93
C ALA A 27 5.93 -18.56 2.68
N GLY A 28 6.49 -18.16 1.55
CA GLY A 28 5.76 -18.17 0.30
C GLY A 28 5.58 -16.82 -0.34
N VAL A 29 5.97 -15.76 0.38
CA VAL A 29 5.88 -14.41 -0.16
C VAL A 29 6.88 -14.24 -1.30
N ASN A 30 6.39 -13.84 -2.46
CA ASN A 30 7.22 -13.79 -3.67
C ASN A 30 7.83 -12.41 -3.95
N GLY A 31 7.49 -11.42 -3.13
CA GLY A 31 8.02 -10.09 -3.31
C GLY A 31 7.51 -9.08 -2.29
N LEU A 32 8.20 -7.95 -2.19
CA LEU A 32 7.82 -6.91 -1.24
C LEU A 32 7.83 -5.53 -1.91
N LEU A 33 6.87 -4.70 -1.54
CA LEU A 33 6.84 -3.30 -1.99
C LEU A 33 7.09 -2.39 -0.79
N ILE A 34 8.36 -2.01 -0.60
CA ILE A 34 8.76 -1.23 0.56
C ILE A 34 8.21 0.19 0.51
N THR A 35 7.39 0.53 1.51
CA THR A 35 6.67 1.80 1.51
C THR A 35 7.50 2.99 1.96
N GLY A 36 7.53 4.03 1.13
CA GLY A 36 8.13 5.30 1.50
C GLY A 36 7.04 6.27 1.93
N THR A 37 7.21 6.88 3.10
CA THR A 37 6.17 7.74 3.66
C THR A 37 6.54 9.22 3.64
N ASN A 38 7.84 9.51 3.54
CA ASN A 38 8.31 10.87 3.29
C ASN A 38 9.62 10.83 2.50
N LEU A 39 10.14 12.00 2.15
CA LEU A 39 11.36 12.09 1.35
C LEU A 39 12.52 11.28 1.95
N ARG A 40 12.69 11.38 3.26
CA ARG A 40 13.76 10.67 3.94
C ARG A 40 13.50 9.16 3.97
N GLU A 41 12.27 8.77 4.30
CA GLU A 41 11.92 7.36 4.37
C GLU A 41 11.83 6.75 2.97
N SER A 42 11.58 7.58 1.97
CA SER A 42 11.53 7.10 0.58
C SER A 42 12.93 6.80 0.07
N GLN A 43 13.91 7.56 0.55
CA GLN A 43 15.31 7.35 0.17
C GLN A 43 15.88 6.12 0.84
N GLN A 44 15.38 5.81 2.02
CA GLN A 44 15.81 4.62 2.75
C GLN A 44 15.19 3.36 2.15
N ALA A 45 13.95 3.50 1.68
CA ALA A 45 13.24 2.38 1.07
C ALA A 45 13.89 1.98 -0.25
N GLN A 46 14.45 2.96 -0.96
CA GLN A 46 15.13 2.70 -2.22
C GLN A 46 16.42 1.93 -1.95
N LYS A 47 17.04 2.21 -0.80
CA LYS A 47 18.28 1.54 -0.43
C LYS A 47 18.05 0.10 0.01
N LEU A 48 16.92 -0.14 0.66
CA LEU A 48 16.56 -1.49 1.09
C LEU A 48 16.10 -2.33 -0.09
N ALA A 49 15.57 -1.67 -1.11
CA ALA A 49 15.10 -2.37 -2.31
C ALA A 49 16.27 -2.91 -3.13
N ARG A 50 17.44 -2.28 -2.99
CA ARG A 50 18.65 -2.79 -3.62
C ARG A 50 19.24 -3.90 -2.76
N GLN A 51 18.98 -3.81 -1.46
CA GLN A 51 19.57 -4.73 -0.49
C GLN A 51 18.99 -6.13 -0.59
N TYR A 52 17.72 -6.23 -0.99
CA TYR A 52 17.05 -7.52 -1.05
C TYR A 52 16.49 -7.81 -2.45
N SER A 53 16.54 -9.08 -2.83
CA SER A 53 15.98 -9.52 -4.11
C SER A 53 14.46 -9.48 -4.05
N SER A 54 13.83 -9.25 -5.20
CA SER A 54 12.38 -9.17 -5.31
C SER A 54 11.76 -8.13 -4.39
N CYS A 55 12.44 -7.00 -4.23
CA CYS A 55 11.94 -5.89 -3.44
C CYS A 55 11.96 -4.59 -4.23
N TRP A 56 10.86 -3.84 -4.15
CA TRP A 56 10.78 -2.53 -4.79
C TRP A 56 10.33 -1.50 -3.78
N SER A 57 10.17 -0.25 -4.20
CA SER A 57 9.81 0.80 -3.28
C SER A 57 8.92 1.88 -3.90
N THR A 58 8.32 2.70 -3.04
CA THR A 58 7.53 3.84 -3.47
C THR A 58 8.22 5.12 -3.02
N ALA A 59 8.00 6.21 -3.75
CA ALA A 59 8.61 7.49 -3.41
C ALA A 59 7.54 8.58 -3.35
N GLY A 60 7.28 9.09 -2.14
CA GLY A 60 6.27 10.10 -1.95
C GLY A 60 6.19 10.62 -0.53
N VAL A 61 5.16 11.43 -0.26
CA VAL A 61 4.97 12.02 1.06
C VAL A 61 3.59 11.73 1.63
N HIS A 62 3.56 11.02 2.75
CA HIS A 62 2.32 10.68 3.45
C HIS A 62 1.55 11.94 3.83
N PRO A 63 0.22 11.88 3.77
CA PRO A 63 -0.64 12.98 4.22
C PRO A 63 -0.30 13.43 5.64
N HIS A 64 0.26 12.53 6.43
CA HIS A 64 0.69 12.88 7.77
CA HIS A 64 0.75 12.82 7.78
C HIS A 64 1.95 13.76 7.73
N ASP A 65 2.80 13.54 6.74
CA ASP A 65 4.02 14.33 6.58
C ASP A 65 3.88 15.40 5.51
N SER A 66 2.65 15.67 5.09
CA SER A 66 2.40 16.60 3.99
C SER A 66 2.78 18.05 4.31
N SER A 67 3.05 18.33 5.59
CA SER A 67 3.50 19.64 6.00
C SER A 67 4.96 19.86 5.65
N GLN A 68 5.66 18.78 5.31
CA GLN A 68 7.08 18.85 4.93
C GLN A 68 7.27 19.24 3.48
N TRP A 69 6.18 19.39 2.74
CA TRP A 69 6.27 19.61 1.31
C TRP A 69 6.75 21.01 0.93
N GLN A 70 7.83 21.06 0.16
CA GLN A 70 8.38 22.31 -0.35
C GLN A 70 8.63 22.17 -1.86
N ALA A 71 9.21 23.21 -2.46
CA ALA A 71 9.46 23.20 -3.90
C ALA A 71 10.65 22.31 -4.25
N ALA A 72 11.60 22.22 -3.33
CA ALA A 72 12.76 21.36 -3.53
C ALA A 72 12.40 19.86 -3.43
N THR A 73 11.24 19.59 -2.84
CA THR A 73 10.77 18.22 -2.60
C THR A 73 10.43 17.44 -3.87
N GLU A 74 9.79 18.12 -4.82
CA GLU A 74 9.33 17.49 -6.06
C GLU A 74 10.47 16.81 -6.83
N GLU A 75 11.49 17.59 -7.16
CA GLU A 75 12.65 17.08 -7.88
C GLU A 75 13.35 15.98 -7.10
N ALA A 76 13.27 16.06 -5.77
CA ALA A 76 13.91 15.06 -4.91
C ALA A 76 13.23 13.69 -5.04
N ILE A 77 11.91 13.70 -5.18
CA ILE A 77 11.15 12.47 -5.38
C ILE A 77 11.43 11.91 -6.78
N ILE A 78 11.67 12.81 -7.72
CA ILE A 78 11.92 12.44 -9.11
C ILE A 78 13.30 11.80 -9.32
N GLU A 79 14.31 12.34 -8.61
CA GLU A 79 15.65 11.74 -8.63
C GLU A 79 15.58 10.32 -8.09
N LEU A 80 14.62 10.10 -7.20
CA LEU A 80 14.45 8.80 -6.56
C LEU A 80 13.60 7.88 -7.43
N ALA A 81 12.57 8.44 -8.05
CA ALA A 81 11.68 7.67 -8.92
C ALA A 81 12.42 7.14 -10.15
N ALA A 82 13.48 7.83 -10.56
CA ALA A 82 14.27 7.44 -11.71
C ALA A 82 14.93 6.07 -11.52
N GLN A 83 15.12 5.68 -10.27
CA GLN A 83 15.69 4.37 -9.94
C GLN A 83 14.77 3.25 -10.38
N PRO A 84 15.35 2.11 -10.79
CA PRO A 84 14.55 0.94 -11.22
C PRO A 84 13.96 0.16 -10.05
N GLU A 85 14.21 0.62 -8.83
CA GLU A 85 13.63 0.01 -7.64
C GLU A 85 12.32 0.70 -7.26
N VAL A 86 12.20 1.96 -7.66
CA VAL A 86 11.00 2.74 -7.37
C VAL A 86 9.97 2.57 -8.49
N VAL A 87 8.82 2.01 -8.15
CA VAL A 87 7.81 1.67 -9.15
C VAL A 87 6.50 2.44 -8.97
N ALA A 88 6.40 3.19 -7.88
CA ALA A 88 5.17 3.94 -7.61
C ALA A 88 5.42 5.27 -6.91
N ILE A 89 4.55 6.24 -7.17
CA ILE A 89 4.60 7.53 -6.48
C ILE A 89 3.65 7.49 -5.29
N GLY A 90 4.23 7.51 -4.09
CA GLY A 90 3.47 7.38 -2.86
C GLY A 90 4.41 7.05 -1.71
N GLU A 91 3.89 6.90 -0.50
CA GLU A 91 2.46 6.92 -0.23
C GLU A 91 1.91 8.34 -0.12
N CYS A 92 0.85 8.62 -0.87
CA CYS A 92 0.20 9.92 -0.85
C CYS A 92 -1.31 9.78 -0.74
N GLY A 93 -1.98 10.85 -0.29
CA GLY A 93 -3.42 10.83 -0.18
C GLY A 93 -3.99 11.76 0.87
N LEU A 94 -5.19 11.43 1.35
CA LEU A 94 -5.88 12.23 2.35
C LEU A 94 -6.11 11.42 3.62
N ASP A 95 -5.96 12.08 4.76
CA ASP A 95 -6.27 11.46 6.05
C ASP A 95 -6.91 12.50 6.96
N PHE A 96 -8.24 12.52 6.99
CA PHE A 96 -8.97 13.51 7.78
C PHE A 96 -9.39 12.96 9.14
N ASN A 97 -9.23 11.65 9.32
CA ASN A 97 -9.50 11.02 10.61
C ASN A 97 -8.58 11.60 11.68
N ARG A 98 -7.41 12.06 11.24
CA ARG A 98 -6.47 12.73 12.13
C ARG A 98 -6.33 14.20 11.78
N ASN A 99 -5.32 14.84 12.36
CA ASN A 99 -5.13 16.28 12.24
C ASN A 99 -3.66 16.63 12.13
N PHE A 100 -2.84 15.61 11.93
CA PHE A 100 -1.39 15.76 11.98
C PHE A 100 -0.87 16.82 11.00
N SER A 101 -1.48 16.88 9.83
CA SER A 101 -1.21 17.95 8.89
C SER A 101 -2.53 18.55 8.44
N THR A 102 -2.57 19.87 8.28
CA THR A 102 -3.80 20.54 7.89
C THR A 102 -4.28 20.03 6.53
N PRO A 103 -5.60 19.86 6.38
CA PRO A 103 -6.17 19.36 5.12
C PRO A 103 -5.85 20.26 3.93
N GLU A 104 -5.52 21.52 4.19
CA GLU A 104 -5.02 22.42 3.15
C GLU A 104 -3.70 21.91 2.54
N GLU A 105 -2.75 21.55 3.40
CA GLU A 105 -1.44 21.09 2.92
C GLU A 105 -1.42 19.61 2.55
N GLN A 106 -2.38 18.85 3.10
CA GLN A 106 -2.59 17.48 2.68
C GLN A 106 -2.98 17.45 1.22
N GLU A 107 -4.01 18.23 0.90
CA GLU A 107 -4.53 18.35 -0.45
C GLU A 107 -3.47 18.86 -1.42
N ARG A 108 -2.69 19.86 -0.98
CA ARG A 108 -1.65 20.45 -1.80
C ARG A 108 -0.59 19.41 -2.14
N ALA A 109 -0.11 18.70 -1.12
CA ALA A 109 0.93 17.69 -1.30
C ALA A 109 0.40 16.47 -2.06
N PHE A 110 -0.92 16.29 -2.06
CA PHE A 110 -1.52 15.18 -2.79
C PHE A 110 -1.54 15.47 -4.28
N VAL A 111 -2.03 16.65 -4.64
CA VAL A 111 -2.11 17.06 -6.04
C VAL A 111 -0.71 17.17 -6.64
N ALA A 112 0.23 17.67 -5.86
CA ALA A 112 1.62 17.80 -6.29
C ALA A 112 2.20 16.44 -6.71
N GLN A 113 1.98 15.43 -5.89
CA GLN A 113 2.46 14.09 -6.19
C GLN A 113 1.68 13.44 -7.33
N LEU A 114 0.40 13.79 -7.44
CA LEU A 114 -0.43 13.32 -8.55
C LEU A 114 0.10 13.87 -9.86
N ARG A 115 0.53 15.13 -9.84
CA ARG A 115 1.13 15.78 -11.00
C ARG A 115 2.44 15.09 -11.38
N ILE A 116 3.24 14.77 -10.37
CA ILE A 116 4.51 14.07 -10.56
C ILE A 116 4.29 12.73 -11.27
N ALA A 117 3.31 11.97 -10.80
CA ALA A 117 2.99 10.67 -11.37
C ALA A 117 2.56 10.80 -12.83
N ALA A 118 1.89 11.90 -13.15
CA ALA A 118 1.48 12.16 -14.52
C ALA A 118 2.68 12.51 -15.38
N ASP A 119 3.59 13.31 -14.82
CA ASP A 119 4.81 13.72 -15.51
C ASP A 119 5.69 12.53 -15.88
N LEU A 120 5.88 11.64 -14.92
CA LEU A 120 6.77 10.50 -15.11
C LEU A 120 6.05 9.24 -15.59
N ASN A 121 4.73 9.34 -15.76
CA ASN A 121 3.91 8.21 -16.17
C ASN A 121 4.06 7.03 -15.22
N MET A 122 3.81 7.27 -13.94
CA MET A 122 3.94 6.24 -12.91
C MET A 122 2.63 6.08 -12.13
N PRO A 123 2.36 4.85 -11.66
CA PRO A 123 1.18 4.60 -10.83
C PRO A 123 1.33 5.21 -9.44
N VAL A 124 0.23 5.38 -8.72
CA VAL A 124 0.28 5.96 -7.38
C VAL A 124 -0.15 5.00 -6.27
N PHE A 125 0.52 5.12 -5.14
CA PHE A 125 0.23 4.32 -3.96
C PHE A 125 -0.55 5.19 -2.98
N MET A 126 -1.87 5.05 -2.99
CA MET A 126 -2.74 6.01 -2.32
C MET A 126 -3.19 5.64 -0.91
N HIS A 127 -3.58 6.67 -0.15
CA HIS A 127 -4.03 6.52 1.22
C HIS A 127 -5.29 7.37 1.41
N CYS A 128 -6.35 6.78 1.95
CA CYS A 128 -7.59 7.51 2.18
C CYS A 128 -8.31 7.04 3.43
N ARG A 129 -8.46 7.93 4.40
CA ARG A 129 -9.20 7.63 5.62
C ARG A 129 -10.16 8.75 5.97
N ASP A 130 -11.46 8.44 5.97
CA ASP A 130 -12.51 9.40 6.29
C ASP A 130 -12.45 10.64 5.40
N ALA A 131 -12.08 10.43 4.13
CA ALA A 131 -11.92 11.53 3.20
C ALA A 131 -12.25 11.11 1.77
N HIS A 132 -13.20 10.19 1.64
CA HIS A 132 -13.51 9.59 0.34
C HIS A 132 -14.00 10.57 -0.73
N GLU A 133 -14.88 11.48 -0.35
CA GLU A 133 -15.44 12.42 -1.33
C GLU A 133 -14.39 13.41 -1.82
N ARG A 134 -13.63 13.96 -0.88
CA ARG A 134 -12.57 14.91 -1.22
C ARG A 134 -11.43 14.19 -1.96
N PHE A 135 -11.35 12.89 -1.77
CA PHE A 135 -10.34 12.05 -2.40
C PHE A 135 -10.60 11.94 -3.91
N MET A 136 -11.84 11.64 -4.26
CA MET A 136 -12.21 11.39 -5.65
C MET A 136 -12.30 12.68 -6.47
N THR A 137 -12.45 13.81 -5.80
CA THR A 137 -12.48 15.10 -6.49
C THR A 137 -11.10 15.52 -6.96
N LEU A 138 -10.10 15.27 -6.13
CA LEU A 138 -8.72 15.61 -6.45
C LEU A 138 -8.12 14.61 -7.45
N LEU A 139 -8.56 13.36 -7.36
CA LEU A 139 -8.11 12.32 -8.27
C LEU A 139 -8.70 12.52 -9.66
N GLU A 140 -9.89 13.08 -9.71
CA GLU A 140 -10.68 13.21 -10.93
C GLU A 140 -9.92 13.79 -12.16
N PRO A 141 -9.17 14.89 -11.98
CA PRO A 141 -8.52 15.43 -13.17
C PRO A 141 -7.17 14.77 -13.50
N TRP A 142 -6.66 13.94 -12.59
CA TRP A 142 -5.32 13.38 -12.78
C TRP A 142 -5.30 11.91 -13.18
N LEU A 143 -6.25 11.13 -12.67
CA LEU A 143 -6.25 9.67 -12.81
C LEU A 143 -6.20 9.18 -14.26
N ASP A 144 -6.84 9.92 -15.16
CA ASP A 144 -6.90 9.52 -16.57
C ASP A 144 -5.56 9.68 -17.29
N LYS A 145 -4.56 10.16 -16.56
CA LYS A 145 -3.24 10.41 -17.13
C LYS A 145 -2.20 9.51 -16.49
N LEU A 146 -2.66 8.61 -15.62
CA LEU A 146 -1.78 7.70 -14.90
C LEU A 146 -1.92 6.29 -15.46
N PRO A 147 -0.86 5.48 -15.35
CA PRO A 147 -0.94 4.08 -15.76
C PRO A 147 -1.97 3.34 -14.91
N GLY A 148 -1.83 3.46 -13.59
CA GLY A 148 -2.76 2.84 -12.66
C GLY A 148 -2.71 3.50 -11.30
N ALA A 149 -3.45 2.92 -10.35
CA ALA A 149 -3.51 3.46 -8.99
C ALA A 149 -4.01 2.40 -8.02
N VAL A 150 -3.62 2.53 -6.76
CA VAL A 150 -4.07 1.60 -5.73
C VAL A 150 -4.44 2.33 -4.43
N LEU A 151 -5.64 2.04 -3.92
CA LEU A 151 -6.04 2.53 -2.62
C LEU A 151 -5.64 1.49 -1.58
N HIS A 152 -4.39 1.53 -1.15
CA HIS A 152 -3.87 0.56 -0.19
C HIS A 152 -4.49 0.78 1.18
N CYS A 153 -4.56 -0.29 1.97
CA CYS A 153 -5.14 -0.25 3.31
C CYS A 153 -6.57 0.31 3.30
N PHE A 154 -7.36 -0.15 2.35
CA PHE A 154 -8.75 0.29 2.21
C PHE A 154 -9.58 -0.15 3.41
N THR A 155 -10.37 0.77 3.95
CA THR A 155 -11.21 0.50 5.12
C THR A 155 -12.61 1.04 4.95
N GLY A 156 -12.92 1.52 3.75
CA GLY A 156 -14.20 2.17 3.50
C GLY A 156 -15.39 1.23 3.38
N THR A 157 -16.47 1.73 2.79
CA THR A 157 -17.68 0.95 2.62
C THR A 157 -17.68 0.23 1.27
N ARG A 158 -18.66 -0.63 1.04
CA ARG A 158 -18.75 -1.36 -0.22
C ARG A 158 -19.15 -0.44 -1.37
N GLU A 159 -19.94 0.59 -1.05
CA GLU A 159 -20.31 1.60 -2.05
C GLU A 159 -19.08 2.41 -2.43
N GLU A 160 -18.24 2.71 -1.45
CA GLU A 160 -16.99 3.43 -1.69
C GLU A 160 -16.02 2.56 -2.49
N MET A 161 -16.08 1.25 -2.26
CA MET A 161 -15.24 0.31 -2.99
C MET A 161 -15.62 0.30 -4.47
N GLN A 162 -16.91 0.16 -4.75
CA GLN A 162 -17.40 0.14 -6.13
C GLN A 162 -17.22 1.48 -6.81
N ALA A 163 -17.13 2.55 -6.01
CA ALA A 163 -16.89 3.88 -6.53
C ALA A 163 -15.45 4.01 -7.04
N CYS A 164 -14.51 3.42 -6.32
CA CYS A 164 -13.10 3.47 -6.70
C CYS A 164 -12.80 2.53 -7.87
N VAL A 165 -13.31 1.31 -7.78
CA VAL A 165 -13.08 0.29 -8.80
C VAL A 165 -13.60 0.73 -10.18
N ALA A 166 -14.66 1.54 -10.18
CA ALA A 166 -15.23 2.05 -11.41
C ALA A 166 -14.25 2.93 -12.19
N HIS A 167 -13.20 3.39 -11.51
CA HIS A 167 -12.21 4.26 -12.14
C HIS A 167 -10.86 3.57 -12.28
N GLY A 168 -10.84 2.26 -12.15
CA GLY A 168 -9.64 1.46 -12.33
C GLY A 168 -8.71 1.44 -11.12
N ILE A 169 -9.26 1.74 -9.95
CA ILE A 169 -8.46 1.78 -8.73
C ILE A 169 -8.40 0.42 -8.04
N TYR A 170 -7.18 -0.09 -7.85
CA TYR A 170 -6.99 -1.35 -7.15
C TYR A 170 -7.25 -1.18 -5.65
N ILE A 171 -7.94 -2.15 -5.06
CA ILE A 171 -8.28 -2.08 -3.64
C ILE A 171 -7.32 -2.94 -2.81
N GLY A 172 -6.58 -2.30 -1.90
CA GLY A 172 -5.65 -3.00 -1.06
C GLY A 172 -6.28 -3.48 0.23
N ILE A 173 -6.11 -4.77 0.55
CA ILE A 173 -6.69 -5.35 1.76
C ILE A 173 -5.62 -5.89 2.69
N THR A 174 -5.67 -5.47 3.96
CA THR A 174 -4.71 -5.90 4.96
C THR A 174 -5.32 -6.89 5.95
N GLY A 175 -4.67 -7.05 7.10
CA GLY A 175 -5.16 -7.89 8.16
C GLY A 175 -6.19 -7.19 9.01
N TRP A 176 -6.63 -6.02 8.55
CA TRP A 176 -7.71 -5.27 9.17
C TRP A 176 -8.99 -6.11 9.09
N VAL A 177 -9.07 -6.93 8.04
CA VAL A 177 -10.20 -7.81 7.82
C VAL A 177 -10.16 -9.01 8.78
N CYS A 178 -9.03 -9.20 9.45
CA CYS A 178 -8.87 -10.30 10.39
C CYS A 178 -9.23 -9.91 11.81
N ASP A 179 -9.68 -8.67 11.99
CA ASP A 179 -10.06 -8.17 13.32
C ASP A 179 -11.57 -8.35 13.55
N GLU A 180 -11.91 -9.10 14.59
CA GLU A 180 -13.30 -9.36 14.94
C GLU A 180 -14.00 -8.10 15.45
N ARG A 181 -13.21 -7.21 16.05
CA ARG A 181 -13.72 -5.95 16.60
C ARG A 181 -14.27 -5.03 15.52
N ARG A 182 -13.41 -4.70 14.55
CA ARG A 182 -13.70 -3.64 13.60
C ARG A 182 -13.35 -4.05 12.16
N GLY A 183 -13.59 -5.32 11.83
CA GLY A 183 -13.32 -5.80 10.49
C GLY A 183 -14.54 -6.46 9.86
N LEU A 184 -15.70 -6.23 10.48
CA LEU A 184 -16.95 -6.84 10.02
C LEU A 184 -17.41 -6.27 8.69
N GLU A 185 -17.46 -4.93 8.58
CA GLU A 185 -17.91 -4.28 7.36
C GLU A 185 -17.02 -4.64 6.16
N LEU A 186 -15.71 -4.73 6.39
CA LEU A 186 -14.73 -5.02 5.33
C LEU A 186 -14.87 -6.46 4.80
N ARG A 187 -15.03 -7.40 5.73
CA ARG A 187 -15.12 -8.83 5.39
C ARG A 187 -16.33 -9.14 4.50
N GLU A 188 -17.38 -8.35 4.65
CA GLU A 188 -18.61 -8.58 3.91
C GLU A 188 -18.59 -7.97 2.50
N LEU A 189 -17.69 -7.03 2.28
CA LEU A 189 -17.54 -6.43 0.95
C LEU A 189 -16.45 -7.14 0.13
N LEU A 190 -15.65 -7.93 0.83
CA LEU A 190 -14.56 -8.69 0.21
C LEU A 190 -14.97 -9.53 -1.02
N PRO A 191 -16.12 -10.23 -0.96
CA PRO A 191 -16.51 -10.98 -2.17
C PRO A 191 -17.01 -10.09 -3.31
N LEU A 192 -17.24 -8.82 -3.03
CA LEU A 192 -17.73 -7.89 -4.05
C LEU A 192 -16.60 -7.22 -4.84
N ILE A 193 -15.41 -7.16 -4.23
CA ILE A 193 -14.23 -6.63 -4.89
C ILE A 193 -13.89 -7.51 -6.09
N PRO A 194 -13.83 -6.91 -7.28
CA PRO A 194 -13.42 -7.67 -8.48
C PRO A 194 -12.03 -8.25 -8.28
N ALA A 195 -11.90 -9.56 -8.51
CA ALA A 195 -10.65 -10.29 -8.24
C ALA A 195 -9.43 -9.66 -8.90
N GLU A 196 -9.64 -8.95 -9.99
CA GLU A 196 -8.55 -8.34 -10.74
C GLU A 196 -8.38 -6.87 -10.35
N LYS A 197 -8.87 -6.53 -9.16
CA LYS A 197 -8.63 -5.22 -8.56
C LYS A 197 -8.14 -5.43 -7.13
N LEU A 198 -8.07 -6.70 -6.73
CA LEU A 198 -7.67 -7.06 -5.38
C LEU A 198 -6.16 -7.09 -5.22
N LEU A 199 -5.68 -6.52 -4.12
CA LEU A 199 -4.27 -6.59 -3.75
C LEU A 199 -4.15 -6.91 -2.27
N ILE A 200 -3.22 -7.77 -1.91
CA ILE A 200 -3.03 -8.14 -0.51
C ILE A 200 -1.76 -7.53 0.08
N GLU A 201 -1.83 -7.19 1.37
CA GLU A 201 -0.73 -6.52 2.04
C GLU A 201 -0.80 -6.73 3.55
N THR A 202 0.25 -6.33 4.26
CA THR A 202 0.31 -6.52 5.70
C THR A 202 0.36 -5.19 6.45
N ASP A 203 0.84 -4.14 5.78
CA ASP A 203 1.03 -2.83 6.38
C ASP A 203 1.92 -2.93 7.62
N ALA A 204 2.89 -3.84 7.58
CA ALA A 204 3.83 -4.04 8.67
C ALA A 204 4.58 -2.74 8.95
N PRO A 205 4.92 -2.49 10.23
CA PRO A 205 4.69 -3.38 11.38
C PRO A 205 3.33 -3.18 12.04
N TYR A 206 2.35 -2.68 11.29
CA TYR A 206 1.04 -2.42 11.86
C TYR A 206 -0.01 -3.45 11.45
N LEU A 207 -1.17 -3.36 12.10
CA LEU A 207 -2.32 -4.20 11.77
C LEU A 207 -2.02 -5.69 11.83
N LEU A 208 -1.35 -6.10 12.91
CA LEU A 208 -1.12 -7.52 13.15
C LEU A 208 -2.47 -8.21 13.30
N PRO A 209 -2.72 -9.24 12.48
CA PRO A 209 -3.98 -9.98 12.48
C PRO A 209 -4.36 -10.46 13.88
N ARG A 210 -5.60 -10.20 14.29
CA ARG A 210 -6.07 -10.55 15.63
C ARG A 210 -6.40 -12.04 15.75
N ASP A 211 -6.74 -12.67 14.64
CA ASP A 211 -7.12 -14.08 14.64
C ASP A 211 -5.92 -15.01 14.57
N LEU A 212 -4.73 -14.45 14.76
CA LEU A 212 -3.49 -15.24 14.77
C LEU A 212 -3.44 -16.19 15.97
N THR A 213 -2.97 -17.41 15.74
CA THR A 213 -2.79 -18.40 16.80
C THR A 213 -1.51 -19.20 16.60
N PRO A 214 -0.58 -19.14 17.58
CA PRO A 214 -0.70 -18.29 18.76
C PRO A 214 -0.33 -16.85 18.43
N LYS A 215 -0.55 -15.92 19.34
CA LYS A 215 -0.16 -14.54 19.11
C LYS A 215 1.30 -14.33 19.51
N PRO A 216 2.06 -13.63 18.67
CA PRO A 216 3.44 -13.28 19.01
C PRO A 216 3.46 -12.41 20.25
N SER A 217 4.46 -12.59 21.12
CA SER A 217 4.59 -11.78 22.31
C SER A 217 4.79 -10.31 21.96
N SER A 218 5.59 -10.08 20.91
CA SER A 218 5.90 -8.74 20.45
C SER A 218 4.69 -8.00 19.91
N ARG A 219 3.77 -8.75 19.29
CA ARG A 219 2.64 -8.17 18.59
C ARG A 219 3.06 -7.15 17.54
N ARG A 220 4.17 -7.45 16.86
CA ARG A 220 4.64 -6.64 15.74
C ARG A 220 4.34 -7.37 14.43
N ASN A 221 3.61 -6.71 13.54
CA ASN A 221 3.30 -7.30 12.25
C ASN A 221 4.52 -7.37 11.36
N GLU A 222 4.54 -8.35 10.46
CA GLU A 222 5.65 -8.54 9.55
C GLU A 222 5.16 -9.28 8.31
N PRO A 223 5.81 -9.05 7.15
CA PRO A 223 5.35 -9.64 5.88
C PRO A 223 5.33 -11.17 5.85
N ALA A 224 5.81 -11.81 6.91
CA ALA A 224 5.78 -13.26 7.00
C ALA A 224 4.40 -13.75 7.45
N HIS A 225 3.49 -12.80 7.70
CA HIS A 225 2.13 -13.12 8.10
C HIS A 225 1.16 -12.93 6.92
N LEU A 226 1.72 -12.67 5.74
CA LEU A 226 0.92 -12.49 4.53
C LEU A 226 0.11 -13.73 4.08
N PRO A 227 0.72 -14.94 4.10
CA PRO A 227 -0.06 -16.12 3.72
C PRO A 227 -1.32 -16.31 4.55
N HIS A 228 -1.21 -16.03 5.85
CA HIS A 228 -2.36 -16.12 6.75
C HIS A 228 -3.49 -15.23 6.27
N ILE A 229 -3.15 -14.00 5.88
CA ILE A 229 -4.14 -13.03 5.42
C ILE A 229 -4.79 -13.44 4.10
N LEU A 230 -3.98 -13.93 3.17
CA LEU A 230 -4.49 -14.40 1.88
C LEU A 230 -5.48 -15.55 2.07
N GLN A 231 -5.13 -16.47 2.97
CA GLN A 231 -5.96 -17.64 3.24
C GLN A 231 -7.33 -17.25 3.78
N ARG A 232 -7.36 -16.31 4.73
CA ARG A 232 -8.61 -15.84 5.29
C ARG A 232 -9.43 -15.12 4.24
N ILE A 233 -8.76 -14.26 3.47
CA ILE A 233 -9.40 -13.54 2.36
C ILE A 233 -9.98 -14.49 1.33
N ALA A 234 -9.21 -15.52 0.97
CA ALA A 234 -9.66 -16.51 0.01
C ALA A 234 -10.86 -17.30 0.54
N HIS A 235 -10.82 -17.63 1.83
CA HIS A 235 -11.90 -18.38 2.46
C HIS A 235 -13.19 -17.55 2.51
N TRP A 236 -13.04 -16.26 2.79
CA TRP A 236 -14.19 -15.36 2.89
C TRP A 236 -14.68 -14.91 1.51
N ARG A 237 -14.01 -15.37 0.47
CA ARG A 237 -14.43 -15.12 -0.90
C ARG A 237 -14.88 -16.41 -1.56
N GLY A 238 -14.69 -17.52 -0.85
CA GLY A 238 -15.01 -18.84 -1.38
C GLY A 238 -14.05 -19.22 -2.48
N GLU A 239 -12.79 -18.85 -2.32
CA GLU A 239 -11.78 -19.10 -3.34
C GLU A 239 -10.66 -20.01 -2.84
N ASP A 240 -9.88 -20.54 -3.77
CA ASP A 240 -8.70 -21.31 -3.45
C ASP A 240 -7.53 -20.35 -3.30
N ALA A 241 -6.80 -20.46 -2.19
CA ALA A 241 -5.70 -19.56 -1.88
C ALA A 241 -4.66 -19.52 -3.00
N ALA A 242 -4.42 -20.66 -3.64
CA ALA A 242 -3.47 -20.74 -4.75
C ALA A 242 -3.98 -19.95 -5.96
N TRP A 243 -5.29 -20.00 -6.19
CA TRP A 243 -5.88 -19.30 -7.33
C TRP A 243 -5.83 -17.79 -7.13
N LEU A 244 -6.19 -17.33 -5.94
CA LEU A 244 -6.20 -15.90 -5.65
C LEU A 244 -4.79 -15.34 -5.62
N ALA A 245 -3.84 -16.16 -5.19
CA ALA A 245 -2.44 -15.78 -5.19
C ALA A 245 -1.96 -15.49 -6.61
N ALA A 246 -2.34 -16.36 -7.54
CA ALA A 246 -1.98 -16.19 -8.94
C ALA A 246 -2.64 -14.96 -9.55
N THR A 247 -3.81 -14.61 -9.05
CA THR A 247 -4.55 -13.44 -9.53
C THR A 247 -3.99 -12.15 -8.95
N THR A 248 -3.84 -12.11 -7.63
CA THR A 248 -3.32 -10.93 -6.94
C THR A 248 -1.89 -10.60 -7.37
N ASP A 249 -1.12 -11.63 -7.71
CA ASP A 249 0.24 -11.43 -8.21
C ASP A 249 0.23 -10.84 -9.62
N ALA A 250 -0.76 -11.22 -10.41
CA ALA A 250 -0.93 -10.66 -11.75
C ALA A 250 -1.28 -9.18 -11.64
N ASN A 251 -2.13 -8.85 -10.68
CA ASN A 251 -2.52 -7.47 -10.45
C ASN A 251 -1.33 -6.59 -10.07
N VAL A 252 -0.42 -7.15 -9.28
CA VAL A 252 0.81 -6.44 -8.91
C VAL A 252 1.66 -6.16 -10.14
N LYS A 253 1.85 -7.17 -10.98
CA LYS A 253 2.64 -7.03 -12.20
C LYS A 253 1.96 -6.08 -13.19
N THR A 254 0.64 -6.15 -13.26
CA THR A 254 -0.12 -5.30 -14.17
C THR A 254 -0.07 -3.83 -13.74
N LEU A 255 -0.16 -3.60 -12.44
CA LEU A 255 -0.16 -2.24 -11.90
C LEU A 255 1.24 -1.62 -11.84
N PHE A 256 2.21 -2.40 -11.38
CA PHE A 256 3.54 -1.86 -11.13
C PHE A 256 4.56 -2.14 -12.23
N GLY A 257 4.31 -3.17 -13.04
CA GLY A 257 5.18 -3.49 -14.16
C GLY A 257 6.44 -4.24 -13.76
N ILE A 258 6.33 -5.03 -12.70
CA ILE A 258 7.46 -5.82 -12.22
C ILE A 258 7.27 -7.32 -12.50
N ALA A 259 8.28 -8.11 -12.16
CA ALA A 259 8.23 -9.56 -12.40
C ALA A 259 8.86 -10.33 -11.25
N PHE A 260 8.24 -11.44 -10.87
CA PHE A 260 8.73 -12.27 -9.77
C PHE A 260 8.18 -13.69 -9.84
#